data_5UBA
#
_entry.id   5UBA
#
_cell.length_a   54.189
_cell.length_b   54.189
_cell.length_c   105.349
_cell.angle_alpha   90.000
_cell.angle_beta   90.000
_cell.angle_gamma   90.000
#
_symmetry.space_group_name_H-M   'P 43'
#
loop_
_entity.id
_entity.type
_entity.pdbx_description
1 polymer 'RNA pseudouridylate synthase domain-containing protein 4'
2 non-polymer 'CHLORIDE ION'
3 non-polymer 'CALCIUM ION'
4 non-polymer 'UNKNOWN ATOM OR ION'
5 water water
#
_entity_poly.entity_id   1
_entity_poly.type   'polypeptide(L)'
_entity_poly.pdbx_seq_one_letter_code
;MHHHHHHSSGRENLYFQGNVLAKALTRGILHQDKNLVVINKPYGLPVHGGPGVQLCITDVLPILAKMLHGHKAEPLHLCH
RLDKETTGVMVLAWDKDMAHQVQELFRTRQVVKKYWAITVHVPMPSAGVVDIPIVEKEAQGQQQHHKMTLSPSYRMDDGK
MVKVRRSRNAQVAVTQYQVLSSTLSSALVELQPITGIKHQLRVHLSFGLDCPILGDHKYSDWNRLAPQKLSVGTLKKLGL
EQSKARYIPLHLHARQLILPALGSGKEELNLVCKLPRFFVHSLHRLRLEMPNEDQ
;
_entity_poly.pdbx_strand_id   A
#
# COMPACT_ATOMS: atom_id res chain seq x y z
N LEU A 14 -4.39 23.12 13.89
CA LEU A 14 -3.52 21.95 13.52
C LEU A 14 -2.01 22.26 13.51
N TYR A 15 -1.60 23.53 13.70
CA TYR A 15 -0.19 23.87 13.51
C TYR A 15 0.76 23.18 14.48
N PHE A 16 0.43 23.21 15.78
CA PHE A 16 1.23 22.51 16.78
C PHE A 16 1.46 21.04 16.41
N GLN A 17 0.36 20.35 16.10
CA GLN A 17 0.42 18.93 15.69
C GLN A 17 1.19 18.78 14.37
N GLY A 18 1.01 19.74 13.47
CA GLY A 18 1.69 19.72 12.17
C GLY A 18 3.18 19.87 12.30
N ASN A 19 3.62 20.79 13.18
CA ASN A 19 5.02 20.97 13.46
C ASN A 19 5.68 19.67 13.98
N VAL A 20 5.00 19.02 14.93
CA VAL A 20 5.53 17.80 15.52
C VAL A 20 5.64 16.68 14.46
N LEU A 21 4.60 16.60 13.63
CA LEU A 21 4.59 15.60 12.56
C LEU A 21 5.69 15.89 11.54
N ALA A 22 5.79 17.15 11.13
CA ALA A 22 6.86 17.53 10.21
C ALA A 22 8.24 17.18 10.75
N LYS A 23 8.52 17.43 12.05
CA LYS A 23 9.78 17.00 12.64
C LYS A 23 9.99 15.47 12.57
N ALA A 24 8.93 14.72 12.86
CA ALA A 24 8.98 13.28 12.75
C ALA A 24 9.32 12.84 11.32
N LEU A 25 8.71 13.48 10.34
CA LEU A 25 9.02 13.17 8.94
C LEU A 25 10.44 13.50 8.57
N THR A 26 10.97 14.61 9.09
CA THR A 26 12.38 14.92 8.85
C THR A 26 13.32 13.83 9.35
N ARG A 27 13.04 13.29 10.54
CA ARG A 27 13.85 12.22 11.11
C ARG A 27 13.84 10.94 10.30
N GLY A 28 12.79 10.72 9.53
CA GLY A 28 12.72 9.51 8.71
C GLY A 28 13.00 9.68 7.24
N ILE A 29 13.45 10.85 6.81
CA ILE A 29 13.71 11.08 5.40
C ILE A 29 14.61 10.00 4.82
N LEU A 30 14.18 9.47 3.67
CA LEU A 30 14.89 8.40 2.97
C LEU A 30 15.88 8.88 1.94
N HIS A 31 15.60 10.03 1.34
CA HIS A 31 16.43 10.60 0.28
C HIS A 31 16.15 12.08 0.12
N GLN A 32 17.22 12.85 -0.09
CA GLN A 32 17.10 14.25 -0.38
C GLN A 32 18.07 14.63 -1.47
N ASP A 33 17.59 15.38 -2.46
CA ASP A 33 18.48 16.03 -3.45
C ASP A 33 17.91 17.40 -3.80
N LYS A 34 18.46 18.06 -4.83
CA LYS A 34 17.99 19.39 -5.18
C LYS A 34 16.54 19.40 -5.69
N ASN A 35 16.06 18.25 -6.18
CA ASN A 35 14.71 18.12 -6.72
C ASN A 35 13.67 17.57 -5.73
N LEU A 36 14.08 16.57 -4.95
CA LEU A 36 13.12 15.74 -4.22
C LEU A 36 13.41 15.64 -2.73
N VAL A 37 12.33 15.47 -1.97
CA VAL A 37 12.40 15.01 -0.58
C VAL A 37 11.56 13.75 -0.52
N VAL A 38 12.19 12.64 -0.12
CA VAL A 38 11.48 11.35 -0.07
C VAL A 38 11.27 11.00 1.39
N ILE A 39 10.01 10.86 1.78
CA ILE A 39 9.64 10.55 3.15
C ILE A 39 9.15 9.10 3.29
N ASN A 40 9.05 8.68 4.55
CA ASN A 40 8.48 7.43 4.95
C ASN A 40 7.13 7.74 5.57
N LYS A 41 6.05 7.53 4.82
CA LYS A 41 4.74 7.93 5.30
C LYS A 41 4.31 7.00 6.43
N PRO A 42 3.95 7.57 7.58
CA PRO A 42 3.49 6.69 8.68
C PRO A 42 2.11 6.10 8.46
N TYR A 43 1.89 4.97 9.14
CA TYR A 43 0.63 4.31 9.15
C TYR A 43 -0.48 5.22 9.65
N GLY A 44 -1.56 5.28 8.87
CA GLY A 44 -2.76 5.97 9.30
C GLY A 44 -2.84 7.43 8.90
N LEU A 45 -1.76 7.99 8.37
CA LEU A 45 -1.75 9.40 7.92
C LEU A 45 -2.27 9.51 6.49
N PRO A 46 -3.38 10.23 6.31
CA PRO A 46 -3.85 10.48 4.95
C PRO A 46 -3.07 11.55 4.27
N VAL A 47 -3.11 11.53 2.95
CA VAL A 47 -2.46 12.53 2.12
C VAL A 47 -3.28 13.83 2.12
N HIS A 48 -4.60 13.71 1.91
CA HIS A 48 -5.53 14.85 1.93
C HIS A 48 -6.43 14.83 3.16
N GLY A 49 -7.00 15.99 3.49
CA GLY A 49 -7.86 16.13 4.67
C GLY A 49 -9.20 15.41 4.55
N GLY A 50 -9.73 14.97 5.69
N GLN A 54 -8.60 16.89 10.63
CA GLN A 54 -7.80 15.66 10.58
C GLN A 54 -6.46 15.95 9.93
N LEU A 55 -5.36 15.81 10.68
CA LEU A 55 -4.03 16.13 10.17
C LEU A 55 -3.71 15.22 8.98
N CYS A 56 -3.17 15.82 7.92
CA CYS A 56 -2.79 15.07 6.72
C CYS A 56 -1.47 15.58 6.16
N ILE A 57 -0.96 14.89 5.16
CA ILE A 57 0.31 15.31 4.57
C ILE A 57 0.22 16.72 3.99
N THR A 58 -0.88 17.01 3.29
CA THR A 58 -1.00 18.34 2.67
C THR A 58 -0.88 19.48 3.70
N ASP A 59 -1.39 19.25 4.91
CA ASP A 59 -1.31 20.26 5.99
C ASP A 59 0.13 20.59 6.36
N VAL A 60 1.04 19.63 6.26
CA VAL A 60 2.44 19.83 6.65
C VAL A 60 3.42 20.16 5.51
N LEU A 61 2.95 20.16 4.26
CA LEU A 61 3.84 20.54 3.16
C LEU A 61 4.50 21.93 3.34
N PRO A 62 3.72 22.95 3.80
CA PRO A 62 4.40 24.23 4.03
C PRO A 62 5.42 24.19 5.18
N ILE A 63 5.04 23.44 6.22
CA ILE A 63 5.82 23.35 7.47
CA ILE A 63 5.82 23.35 7.46
C ILE A 63 7.12 22.60 7.21
N LEU A 64 7.03 21.43 6.58
CA LEU A 64 8.21 20.63 6.29
C LEU A 64 9.19 21.39 5.37
N ALA A 65 8.63 22.14 4.42
CA ALA A 65 9.43 22.94 3.51
C ALA A 65 10.30 23.94 4.27
N LYS A 66 9.66 24.68 5.18
CA LYS A 66 10.35 25.68 5.98
C LYS A 66 11.31 25.03 6.97
N MET A 67 10.94 23.87 7.48
CA MET A 67 11.82 23.12 8.37
C MET A 67 13.11 22.69 7.69
N LEU A 68 13.03 22.35 6.41
CA LEU A 68 14.20 21.88 5.67
C LEU A 68 14.99 23.01 4.98
N HIS A 69 14.31 24.03 4.48
CA HIS A 69 14.95 25.11 3.69
C HIS A 69 14.83 26.52 4.27
N GLY A 70 14.28 26.65 5.47
CA GLY A 70 14.21 27.95 6.15
C GLY A 70 12.96 28.73 5.85
N HIS A 71 12.81 29.88 6.50
CA HIS A 71 11.54 30.63 6.47
C HIS A 71 11.11 31.19 5.11
N LYS A 72 12.02 31.25 4.14
CA LYS A 72 11.67 31.68 2.79
C LYS A 72 11.10 30.58 1.91
N ALA A 73 11.16 29.33 2.37
CA ALA A 73 10.75 28.18 1.54
C ALA A 73 9.23 28.15 1.28
N GLU A 74 8.86 27.92 0.01
CA GLU A 74 7.47 27.72 -0.36
C GLU A 74 7.17 26.25 -0.19
N PRO A 75 5.88 25.87 -0.18
CA PRO A 75 5.55 24.48 0.20
C PRO A 75 6.12 23.41 -0.74
N LEU A 76 6.43 22.25 -0.17
CA LEU A 76 6.71 21.07 -0.99
C LEU A 76 5.43 20.69 -1.73
N HIS A 77 5.61 19.94 -2.84
CA HIS A 77 4.55 19.47 -3.70
C HIS A 77 4.44 17.97 -3.71
N LEU A 78 3.20 17.51 -3.69
CA LEU A 78 2.87 16.09 -3.88
C LEU A 78 3.21 15.66 -5.31
N CYS A 79 3.76 14.45 -5.42
CA CYS A 79 4.01 13.80 -6.73
C CYS A 79 3.18 12.57 -7.02
N HIS A 80 2.62 11.95 -6.00
CA HIS A 80 1.82 10.74 -6.10
C HIS A 80 1.16 10.51 -4.75
N ARG A 81 0.22 9.59 -4.70
CA ARG A 81 -0.54 9.39 -3.46
C ARG A 81 -0.34 7.97 -2.94
N LEU A 82 -0.44 7.84 -1.63
CA LEU A 82 -0.54 6.57 -0.93
C LEU A 82 -1.79 6.63 -0.09
N ASP A 83 -2.45 5.50 0.10
CA ASP A 83 -3.60 5.43 0.98
C ASP A 83 -3.23 5.55 2.45
N LYS A 84 -4.21 5.90 3.25
CA LYS A 84 -4.02 6.17 4.69
C LYS A 84 -3.35 5.03 5.42
N GLU A 85 -3.79 3.80 5.17
CA GLU A 85 -3.23 2.64 5.86
C GLU A 85 -2.02 2.02 5.19
N THR A 86 -1.51 2.64 4.13
CA THR A 86 -0.24 2.27 3.56
C THR A 86 0.90 3.04 4.19
N THR A 87 2.03 2.37 4.38
CA THR A 87 3.23 2.98 4.88
C THR A 87 4.26 3.09 3.77
N GLY A 88 5.29 3.93 3.98
CA GLY A 88 6.51 3.82 3.23
C GLY A 88 6.77 4.91 2.21
N VAL A 89 7.40 4.52 1.10
CA VAL A 89 8.07 5.50 0.23
C VAL A 89 7.10 6.49 -0.40
N MET A 90 7.36 7.78 -0.17
CA MET A 90 6.54 8.84 -0.74
C MET A 90 7.44 10.01 -1.17
N VAL A 91 7.35 10.35 -2.45
CA VAL A 91 8.19 11.36 -3.09
C VAL A 91 7.47 12.72 -3.11
N LEU A 92 8.17 13.73 -2.62
CA LEU A 92 7.75 15.11 -2.66
C LEU A 92 8.77 15.88 -3.49
N ALA A 93 8.32 17.00 -4.10
CA ALA A 93 9.21 17.85 -4.89
C ALA A 93 9.18 19.30 -4.45
N TRP A 94 10.33 19.93 -4.52
CA TRP A 94 10.45 21.36 -4.22
C TRP A 94 9.73 22.27 -5.23
N ASP A 95 9.84 21.91 -6.52
CA ASP A 95 9.38 22.73 -7.65
CA ASP A 95 9.35 22.74 -7.63
C ASP A 95 8.08 22.15 -8.22
N LYS A 96 7.09 22.99 -8.51
CA LYS A 96 5.81 22.53 -9.06
C LYS A 96 5.96 21.82 -10.41
N ASP A 97 6.87 22.31 -11.25
CA ASP A 97 7.07 21.70 -12.56
C ASP A 97 7.71 20.34 -12.42
N MET A 98 8.61 20.18 -11.45
CA MET A 98 9.18 18.85 -11.18
C MET A 98 8.13 17.89 -10.63
N ALA A 99 7.24 18.39 -9.74
CA ALA A 99 6.10 17.60 -9.28
C ALA A 99 5.28 17.11 -10.47
N HIS A 100 5.01 18.02 -11.42
CA HIS A 100 4.27 17.61 -12.61
C HIS A 100 5.02 16.57 -13.43
N GLN A 101 6.33 16.74 -13.53
CA GLN A 101 7.17 15.77 -14.26
C GLN A 101 7.08 14.37 -13.63
N VAL A 102 7.17 14.32 -12.32
CA VAL A 102 7.08 13.05 -11.60
C VAL A 102 5.68 12.45 -11.71
N GLN A 103 4.64 13.26 -11.57
CA GLN A 103 3.26 12.82 -11.77
C GLN A 103 3.11 12.18 -13.15
N GLU A 104 3.74 12.80 -14.16
CA GLU A 104 3.66 12.26 -15.53
C GLU A 104 4.39 10.93 -15.66
N LEU A 105 5.52 10.76 -14.96
CA LEU A 105 6.18 9.45 -14.91
C LEU A 105 5.26 8.38 -14.36
N PHE A 106 4.50 8.69 -13.30
CA PHE A 106 3.54 7.74 -12.78
C PHE A 106 2.40 7.47 -13.76
N ARG A 107 1.83 8.54 -14.33
CA ARG A 107 0.69 8.41 -15.28
C ARG A 107 1.05 7.50 -16.45
N THR A 108 2.28 7.65 -16.94
CA THR A 108 2.75 6.91 -18.11
C THR A 108 3.45 5.57 -17.75
N ARG A 109 3.33 5.15 -16.48
CA ARG A 109 3.82 3.83 -16.05
C ARG A 109 5.32 3.60 -16.21
N GLN A 110 6.09 4.67 -16.00
CA GLN A 110 7.52 4.63 -16.11
C GLN A 110 8.17 4.39 -14.76
N VAL A 111 7.39 4.33 -13.68
CA VAL A 111 7.95 4.12 -12.34
C VAL A 111 7.63 2.70 -11.85
N VAL A 112 8.67 2.00 -11.38
CA VAL A 112 8.46 0.67 -10.83
C VAL A 112 8.03 0.88 -9.38
N LYS A 113 6.86 0.38 -9.02
CA LYS A 113 6.28 0.52 -7.68
C LYS A 113 6.23 -0.88 -7.08
N LYS A 114 6.94 -1.14 -5.98
CA LYS A 114 6.91 -2.44 -5.29
CA LYS A 114 6.81 -2.42 -5.31
C LYS A 114 6.34 -2.27 -3.90
N TYR A 115 5.42 -3.15 -3.53
CA TYR A 115 4.81 -3.16 -2.21
C TYR A 115 5.04 -4.51 -1.59
N TRP A 116 5.12 -4.52 -0.28
CA TRP A 116 5.17 -5.77 0.48
C TRP A 116 3.93 -5.86 1.33
N ALA A 117 3.32 -7.05 1.37
CA ALA A 117 2.15 -7.30 2.18
C ALA A 117 2.25 -8.65 2.86
N ILE A 118 1.67 -8.76 4.04
CA ILE A 118 1.42 -10.07 4.64
C ILE A 118 0.01 -10.45 4.31
N THR A 119 -0.15 -11.68 3.82
CA THR A 119 -1.46 -12.20 3.45
C THR A 119 -1.83 -13.35 4.33
N VAL A 120 -3.12 -13.46 4.53
CA VAL A 120 -3.76 -14.60 5.15
CA VAL A 120 -3.69 -14.62 5.17
C VAL A 120 -3.93 -15.60 3.99
N HIS A 121 -3.44 -16.81 4.15
CA HIS A 121 -3.38 -17.78 3.07
C HIS A 121 -2.26 -17.44 2.12
N VAL A 122 -1.84 -18.46 1.39
CA VAL A 122 -0.68 -18.38 0.52
C VAL A 122 -1.15 -18.38 -0.93
N PRO A 123 -0.79 -17.35 -1.72
CA PRO A 123 -1.22 -17.31 -3.11
C PRO A 123 -0.82 -18.56 -3.93
N MET A 124 -1.75 -18.98 -4.77
CA MET A 124 -1.53 -20.13 -5.70
C MET A 124 -1.95 -19.69 -7.11
N PRO A 125 -1.05 -19.75 -8.11
CA PRO A 125 0.37 -20.06 -7.96
C PRO A 125 1.12 -19.04 -7.11
N SER A 126 2.32 -19.37 -6.71
CA SER A 126 3.09 -18.48 -5.80
C SER A 126 3.62 -17.22 -6.48
N ALA A 127 3.62 -17.18 -7.81
CA ALA A 127 3.94 -15.99 -8.57
C ALA A 127 3.02 -15.90 -9.79
N GLY A 128 2.65 -14.69 -10.17
CA GLY A 128 1.78 -14.53 -11.30
C GLY A 128 1.30 -13.12 -11.50
N VAL A 129 0.12 -12.98 -12.11
N VAL A 129 0.13 -13.01 -12.12
CA VAL A 129 -0.45 -11.68 -12.38
CA VAL A 129 -0.52 -11.75 -12.40
C VAL A 129 -1.98 -11.75 -12.35
C VAL A 129 -2.00 -11.91 -12.09
N VAL A 130 -2.60 -10.82 -11.61
CA VAL A 130 -4.04 -10.72 -11.48
C VAL A 130 -4.41 -9.56 -12.38
N ASP A 131 -5.23 -9.83 -13.41
CA ASP A 131 -5.56 -8.79 -14.42
C ASP A 131 -7.07 -8.55 -14.60
N ILE A 132 -7.85 -8.89 -13.61
CA ILE A 132 -9.31 -8.73 -13.65
C ILE A 132 -9.64 -7.25 -13.45
N PRO A 133 -10.48 -6.66 -14.32
CA PRO A 133 -10.79 -5.24 -14.14
C PRO A 133 -11.54 -4.97 -12.86
N ILE A 134 -11.47 -3.72 -12.43
CA ILE A 134 -12.05 -3.26 -11.19
C ILE A 134 -13.08 -2.18 -11.52
N VAL A 135 -14.20 -2.20 -10.80
N VAL A 135 -14.21 -2.22 -10.81
CA VAL A 135 -15.25 -1.20 -10.98
CA VAL A 135 -15.28 -1.22 -10.95
C VAL A 135 -15.50 -0.48 -9.65
C VAL A 135 -15.46 -0.48 -9.63
N GLU A 136 -15.69 0.83 -9.73
CA GLU A 136 -15.91 1.71 -8.59
C GLU A 136 -17.36 2.16 -8.57
N LYS A 147 -16.28 2.06 -2.84
CA LYS A 147 -16.81 0.72 -3.06
C LYS A 147 -16.20 0.10 -4.33
N MET A 148 -15.20 -0.76 -4.13
CA MET A 148 -14.47 -1.41 -5.24
C MET A 148 -14.73 -2.91 -5.28
N THR A 149 -15.00 -3.43 -6.48
CA THR A 149 -15.16 -4.87 -6.71
C THR A 149 -14.53 -5.28 -8.03
N LEU A 150 -14.42 -6.59 -8.27
CA LEU A 150 -13.95 -7.10 -9.56
C LEU A 150 -15.08 -7.10 -10.57
N SER A 151 -14.72 -7.03 -11.85
CA SER A 151 -15.69 -7.06 -12.95
C SER A 151 -15.20 -8.07 -14.00
N PRO A 152 -15.50 -9.38 -13.80
CA PRO A 152 -15.00 -10.40 -14.72
C PRO A 152 -15.89 -10.58 -15.95
N SER A 153 -15.39 -11.39 -16.88
CA SER A 153 -16.06 -11.64 -18.14
C SER A 153 -17.34 -12.47 -18.00
N TYR A 154 -17.44 -13.29 -16.93
CA TYR A 154 -18.63 -14.13 -16.71
C TYR A 154 -19.27 -13.93 -15.34
N ARG A 155 -20.51 -14.39 -15.25
CA ARG A 155 -21.33 -14.35 -14.05
C ARG A 155 -21.70 -15.81 -13.77
N MET A 156 -21.96 -16.15 -12.51
CA MET A 156 -22.46 -17.48 -12.12
C MET A 156 -23.94 -17.42 -11.83
N ASP A 157 -24.73 -18.21 -12.56
CA ASP A 157 -26.16 -18.39 -12.30
C ASP A 157 -26.40 -19.87 -12.10
N ASP A 158 -26.93 -20.22 -10.92
CA ASP A 158 -27.32 -21.61 -10.64
C ASP A 158 -26.21 -22.58 -11.04
N GLY A 159 -24.96 -22.21 -10.72
CA GLY A 159 -23.79 -23.06 -10.95
C GLY A 159 -23.19 -23.13 -12.36
N LYS A 160 -23.73 -22.35 -13.31
CA LYS A 160 -23.19 -22.31 -14.68
C LYS A 160 -22.76 -20.88 -15.01
N MET A 161 -21.82 -20.76 -15.96
CA MET A 161 -21.25 -19.46 -16.33
C MET A 161 -22.03 -18.82 -17.45
N VAL A 162 -22.29 -17.53 -17.27
CA VAL A 162 -23.02 -16.74 -18.26
C VAL A 162 -22.15 -15.53 -18.57
N LYS A 163 -21.92 -15.30 -19.86
CA LYS A 163 -21.10 -14.19 -20.29
C LYS A 163 -21.82 -12.87 -20.04
N VAL A 164 -21.12 -11.91 -19.44
CA VAL A 164 -21.65 -10.58 -19.18
C VAL A 164 -20.78 -9.59 -19.96
N ARG A 165 -21.41 -8.71 -20.75
CA ARG A 165 -20.67 -7.70 -21.50
C ARG A 165 -19.87 -6.80 -20.55
N ARG A 166 -18.64 -6.45 -20.96
CA ARG A 166 -17.74 -5.66 -20.11
C ARG A 166 -18.45 -4.37 -19.69
N SER A 167 -18.46 -4.09 -18.39
CA SER A 167 -19.10 -2.88 -17.88
C SER A 167 -18.40 -1.63 -18.43
N ARG A 168 -19.19 -0.61 -18.76
CA ARG A 168 -18.66 0.66 -19.27
C ARG A 168 -17.74 1.39 -18.28
N ASN A 169 -17.95 1.18 -16.98
CA ASN A 169 -17.12 1.82 -15.95
C ASN A 169 -15.97 0.95 -15.41
N ALA A 170 -15.82 -0.28 -15.90
CA ALA A 170 -14.71 -1.13 -15.47
C ALA A 170 -13.39 -0.50 -15.86
N GLN A 171 -12.41 -0.55 -14.96
CA GLN A 171 -11.09 0.02 -15.20
C GLN A 171 -10.09 -1.12 -15.31
N VAL A 172 -9.18 -1.01 -16.28
CA VAL A 172 -8.12 -1.99 -16.49
C VAL A 172 -7.26 -1.98 -15.22
N ALA A 173 -6.98 -3.17 -14.68
CA ALA A 173 -6.23 -3.31 -13.43
C ALA A 173 -5.34 -4.53 -13.54
N VAL A 174 -4.04 -4.33 -13.32
CA VAL A 174 -3.05 -5.39 -13.43
C VAL A 174 -2.07 -5.27 -12.26
N THR A 175 -1.95 -6.38 -11.54
CA THR A 175 -1.03 -6.52 -10.41
C THR A 175 -0.14 -7.74 -10.62
N GLN A 176 1.16 -7.56 -10.64
CA GLN A 176 2.10 -8.68 -10.61
C GLN A 176 2.37 -9.03 -9.16
N TYR A 177 2.56 -10.30 -8.86
CA TYR A 177 2.88 -10.72 -7.50
C TYR A 177 3.85 -11.86 -7.44
N GLN A 178 4.57 -11.94 -6.34
CA GLN A 178 5.53 -12.99 -6.09
C GLN A 178 5.58 -13.23 -4.59
N VAL A 179 5.31 -14.46 -4.18
CA VAL A 179 5.53 -14.82 -2.78
C VAL A 179 7.03 -14.79 -2.48
N LEU A 180 7.42 -14.12 -1.40
CA LEU A 180 8.81 -14.05 -0.94
C LEU A 180 9.12 -15.06 0.15
N SER A 181 8.13 -15.32 0.99
CA SER A 181 8.24 -16.23 2.12
C SER A 181 6.86 -16.75 2.44
N SER A 182 6.75 -18.01 2.88
CA SER A 182 5.47 -18.55 3.27
C SER A 182 5.58 -19.64 4.34
N THR A 183 4.48 -19.76 5.07
CA THR A 183 4.26 -20.93 5.94
C THR A 183 3.18 -21.74 5.25
N LEU A 184 2.42 -22.54 5.97
CA LEU A 184 1.29 -23.23 5.36
C LEU A 184 0.07 -22.32 5.36
N SER A 185 0.14 -21.21 6.10
CA SER A 185 -1.04 -20.39 6.37
C SER A 185 -0.89 -18.88 6.15
N SER A 186 0.32 -18.39 5.99
CA SER A 186 0.61 -16.96 5.82
C SER A 186 1.63 -16.80 4.72
N ALA A 187 1.66 -15.62 4.08
CA ALA A 187 2.73 -15.29 3.18
C ALA A 187 3.19 -13.84 3.25
N LEU A 188 4.47 -13.61 2.99
CA LEU A 188 4.99 -12.28 2.66
C LEU A 188 5.02 -12.22 1.14
N VAL A 189 4.35 -11.22 0.57
CA VAL A 189 4.14 -11.16 -0.87
C VAL A 189 4.62 -9.81 -1.40
N GLU A 190 5.44 -9.85 -2.47
CA GLU A 190 5.82 -8.65 -3.19
C GLU A 190 4.81 -8.40 -4.30
N LEU A 191 4.33 -7.17 -4.38
CA LEU A 191 3.30 -6.78 -5.33
C LEU A 191 3.80 -5.64 -6.17
N GLN A 192 3.47 -5.67 -7.45
CA GLN A 192 3.79 -4.56 -8.33
C GLN A 192 2.53 -4.23 -9.07
N PRO A 193 1.82 -3.18 -8.63
CA PRO A 193 0.68 -2.68 -9.41
C PRO A 193 1.27 -2.02 -10.68
N ILE A 194 0.83 -2.50 -11.85
CA ILE A 194 1.28 -1.92 -13.10
C ILE A 194 0.41 -0.71 -13.40
N THR A 195 -0.90 -0.91 -13.23
CA THR A 195 -1.88 0.17 -13.21
C THR A 195 -1.91 0.82 -11.82
N GLY A 196 -2.79 1.79 -11.63
CA GLY A 196 -2.85 2.57 -10.40
C GLY A 196 -4.25 2.80 -9.92
N ILE A 197 -5.05 1.74 -9.90
CA ILE A 197 -6.49 1.82 -9.59
C ILE A 197 -6.65 1.77 -8.08
N LYS A 198 -7.61 2.54 -7.56
CA LYS A 198 -7.91 2.60 -6.13
C LYS A 198 -8.11 1.21 -5.52
N HIS A 199 -7.36 0.92 -4.46
CA HIS A 199 -7.42 -0.34 -3.73
C HIS A 199 -7.11 -1.59 -4.56
N GLN A 200 -6.43 -1.44 -5.69
CA GLN A 200 -6.26 -2.59 -6.56
C GLN A 200 -5.49 -3.73 -5.90
N LEU A 201 -4.46 -3.44 -5.12
CA LEU A 201 -3.70 -4.53 -4.48
C LEU A 201 -4.56 -5.33 -3.50
N ARG A 202 -5.33 -4.60 -2.71
CA ARG A 202 -6.21 -5.23 -1.73
C ARG A 202 -7.29 -6.05 -2.38
N VAL A 203 -7.91 -5.50 -3.41
CA VAL A 203 -9.03 -6.17 -4.12
C VAL A 203 -8.49 -7.36 -4.91
N HIS A 204 -7.40 -7.18 -5.63
CA HIS A 204 -6.84 -8.31 -6.37
C HIS A 204 -6.41 -9.45 -5.45
N LEU A 205 -5.78 -9.15 -4.32
CA LEU A 205 -5.36 -10.22 -3.39
C LEU A 205 -6.56 -10.91 -2.75
N SER A 206 -7.54 -10.14 -2.27
CA SER A 206 -8.67 -10.71 -1.53
C SER A 206 -9.60 -11.46 -2.47
N PHE A 207 -10.05 -10.81 -3.52
CA PHE A 207 -11.08 -11.38 -4.38
C PHE A 207 -10.47 -12.23 -5.49
N GLY A 208 -9.31 -11.85 -6.01
CA GLY A 208 -8.67 -12.62 -7.09
C GLY A 208 -7.94 -13.86 -6.61
N LEU A 209 -7.25 -13.78 -5.48
CA LEU A 209 -6.47 -14.89 -4.97
C LEU A 209 -7.00 -15.53 -3.69
N ASP A 210 -8.06 -14.97 -3.09
CA ASP A 210 -8.53 -15.42 -1.76
C ASP A 210 -7.41 -15.37 -0.71
N CYS A 211 -6.57 -14.33 -0.80
CA CYS A 211 -5.47 -14.14 0.13
C CYS A 211 -5.50 -12.70 0.61
N PRO A 212 -6.50 -12.35 1.42
CA PRO A 212 -6.55 -10.94 1.86
C PRO A 212 -5.35 -10.55 2.69
N ILE A 213 -5.01 -9.27 2.60
CA ILE A 213 -3.93 -8.76 3.43
C ILE A 213 -4.32 -8.83 4.91
N LEU A 214 -3.34 -9.16 5.76
CA LEU A 214 -3.52 -9.18 7.20
C LEU A 214 -3.99 -7.81 7.66
N GLY A 215 -5.11 -7.77 8.38
CA GLY A 215 -5.67 -6.51 8.83
C GLY A 215 -6.65 -5.88 7.90
N ASP A 216 -6.93 -6.51 6.75
CA ASP A 216 -7.87 -5.93 5.81
C ASP A 216 -9.31 -6.32 6.15
N HIS A 217 -9.84 -5.64 7.15
CA HIS A 217 -11.20 -5.94 7.59
C HIS A 217 -12.20 -5.68 6.49
N LYS A 218 -12.02 -4.59 5.74
CA LYS A 218 -12.94 -4.18 4.69
C LYS A 218 -13.09 -5.23 3.60
N TYR A 219 -11.98 -5.79 3.15
CA TYR A 219 -12.02 -6.70 2.02
C TYR A 219 -11.98 -8.18 2.37
N SER A 220 -12.17 -8.54 3.64
N SER A 220 -12.19 -8.54 3.64
CA SER A 220 -12.16 -9.94 4.08
CA SER A 220 -12.17 -9.92 4.11
C SER A 220 -13.56 -10.51 4.38
C SER A 220 -13.58 -10.50 4.32
N ASP A 221 -13.72 -11.79 4.02
CA ASP A 221 -14.89 -12.60 4.39
C ASP A 221 -16.21 -12.09 3.83
N TRP A 222 -16.16 -11.37 2.70
CA TRP A 222 -17.36 -10.85 2.04
C TRP A 222 -18.28 -10.09 2.99
N ASN A 223 -17.67 -9.32 3.90
CA ASN A 223 -18.41 -8.49 4.83
C ASN A 223 -17.53 -7.33 5.24
N ARG A 224 -17.81 -6.15 4.66
N ARG A 224 -17.76 -6.15 4.65
CA ARG A 224 -17.02 -4.95 4.83
CA ARG A 224 -16.88 -5.01 4.90
C ARG A 224 -17.12 -4.33 6.21
C ARG A 224 -16.99 -4.49 6.32
N LEU A 225 -18.12 -4.76 6.99
CA LEU A 225 -18.33 -4.25 8.36
C LEU A 225 -17.75 -5.13 9.44
N ALA A 226 -17.40 -6.36 9.09
CA ALA A 226 -16.92 -7.34 10.05
C ALA A 226 -15.40 -7.41 10.10
N PRO A 227 -14.84 -7.65 11.29
CA PRO A 227 -13.40 -7.86 11.39
C PRO A 227 -12.93 -9.09 10.65
N GLN A 228 -11.72 -9.04 10.11
CA GLN A 228 -11.14 -10.19 9.42
C GLN A 228 -11.13 -11.44 10.31
N LYS A 229 -11.60 -12.55 9.77
CA LYS A 229 -11.59 -13.84 10.48
C LYS A 229 -10.23 -14.50 10.33
N LEU A 230 -9.60 -14.80 11.47
CA LEU A 230 -8.31 -15.44 11.52
C LEU A 230 -8.44 -16.78 12.24
N SER A 231 -7.61 -17.73 11.85
CA SER A 231 -7.63 -19.07 12.40
C SER A 231 -7.14 -19.06 13.84
N VAL A 232 -7.48 -20.11 14.58
N VAL A 232 -7.48 -20.11 14.60
CA VAL A 232 -6.97 -20.30 15.92
CA VAL A 232 -6.95 -20.26 15.94
C VAL A 232 -5.44 -20.27 15.95
C VAL A 232 -5.42 -20.28 15.95
N GLY A 233 -4.79 -20.94 14.98
CA GLY A 233 -3.33 -21.02 14.93
C GLY A 233 -2.65 -19.69 14.64
N THR A 234 -3.28 -18.92 13.75
CA THR A 234 -2.78 -17.58 13.38
C THR A 234 -2.94 -16.64 14.56
N LEU A 235 -4.11 -16.67 15.19
CA LEU A 235 -4.28 -15.88 16.43
C LEU A 235 -3.27 -16.23 17.50
N LYS A 236 -2.99 -17.52 17.69
N LYS A 236 -3.00 -17.53 17.68
CA LYS A 236 -2.03 -17.96 18.68
CA LYS A 236 -2.02 -17.97 18.67
C LYS A 236 -0.61 -17.49 18.35
C LYS A 236 -0.62 -17.47 18.35
N LYS A 237 -0.21 -17.58 17.09
CA LYS A 237 1.09 -17.02 16.65
C LYS A 237 1.20 -15.52 16.94
N LEU A 238 0.12 -14.80 16.63
CA LEU A 238 0.09 -13.36 16.85
C LEU A 238 -0.05 -12.96 18.30
N GLY A 239 -0.46 -13.88 19.18
CA GLY A 239 -0.67 -13.59 20.59
C GLY A 239 -1.93 -12.80 20.88
N LEU A 240 -2.97 -13.01 20.07
CA LEU A 240 -4.22 -12.23 20.14
C LEU A 240 -5.42 -13.11 20.35
N GLU A 241 -6.44 -12.58 21.04
CA GLU A 241 -7.76 -13.22 21.07
C GLU A 241 -8.57 -12.71 19.89
N GLN A 242 -9.54 -13.49 19.40
CA GLN A 242 -10.32 -13.08 18.22
C GLN A 242 -11.00 -11.74 18.42
N SER A 243 -11.43 -11.44 19.64
CA SER A 243 -12.04 -10.14 19.94
C SER A 243 -11.17 -8.91 19.63
N LYS A 244 -9.85 -9.11 19.56
CA LYS A 244 -8.91 -8.02 19.28
C LYS A 244 -8.50 -7.98 17.83
N ALA A 245 -8.96 -8.94 17.01
CA ALA A 245 -8.61 -8.93 15.59
C ALA A 245 -8.99 -7.64 14.89
N ARG A 246 -10.10 -7.02 15.28
CA ARG A 246 -10.53 -5.77 14.68
C ARG A 246 -9.53 -4.61 14.77
N TYR A 247 -8.59 -4.70 15.73
CA TYR A 247 -7.58 -3.67 15.93
C TYR A 247 -6.26 -3.96 15.24
N ILE A 248 -6.18 -5.09 14.54
CA ILE A 248 -5.00 -5.40 13.74
C ILE A 248 -4.96 -4.38 12.57
N PRO A 249 -3.82 -3.69 12.41
CA PRO A 249 -3.69 -2.77 11.27
C PRO A 249 -3.51 -3.49 9.95
N LEU A 250 -3.86 -2.83 8.86
CA LEU A 250 -3.45 -3.32 7.53
C LEU A 250 -1.93 -3.45 7.46
N HIS A 251 -1.45 -4.49 6.77
CA HIS A 251 -0.02 -4.76 6.56
C HIS A 251 0.29 -4.59 5.07
N LEU A 252 0.38 -3.34 4.64
CA LEU A 252 0.68 -2.99 3.23
C LEU A 252 1.68 -1.85 3.20
N HIS A 253 2.89 -2.15 2.75
CA HIS A 253 4.03 -1.24 2.78
C HIS A 253 4.54 -0.94 1.37
N ALA A 254 4.68 0.37 1.06
CA ALA A 254 5.32 0.81 -0.18
C ALA A 254 6.83 0.70 0.05
N ARG A 255 7.36 -0.44 -0.40
CA ARG A 255 8.74 -0.83 -0.14
C ARG A 255 9.75 -0.15 -1.02
N GLN A 256 9.45 -0.03 -2.30
CA GLN A 256 10.43 0.45 -3.24
C GLN A 256 9.79 1.24 -4.38
N LEU A 257 10.50 2.27 -4.86
CA LEU A 257 10.16 3.00 -6.07
C LEU A 257 11.40 3.14 -6.91
N ILE A 258 11.33 2.83 -8.19
CA ILE A 258 12.48 3.08 -9.08
C ILE A 258 11.98 4.12 -10.09
N LEU A 259 12.59 5.31 -10.02
CA LEU A 259 12.22 6.46 -10.87
C LEU A 259 13.27 6.57 -11.96
N PRO A 260 12.85 6.76 -13.23
CA PRO A 260 13.85 7.07 -14.25
C PRO A 260 14.52 8.40 -13.99
N ALA A 261 15.63 8.65 -14.69
CA ALA A 261 16.40 9.89 -14.50
C ALA A 261 15.54 11.13 -14.77
N LEU A 262 15.70 12.14 -13.93
CA LEU A 262 14.88 13.35 -14.01
C LEU A 262 15.58 14.48 -14.79
N GLU A 267 20.69 8.69 -14.58
CA GLU A 267 20.60 7.38 -13.95
C GLU A 267 19.41 7.28 -13.00
N GLU A 268 18.96 6.04 -12.78
CA GLU A 268 17.72 5.76 -12.03
C GLU A 268 17.85 6.07 -10.55
N LEU A 269 16.75 6.51 -9.94
CA LEU A 269 16.72 6.68 -8.50
C LEU A 269 15.96 5.48 -7.93
N ASN A 270 16.61 4.69 -7.08
CA ASN A 270 16.10 3.44 -6.56
C ASN A 270 15.91 3.61 -5.07
N LEU A 271 14.66 3.85 -4.66
CA LEU A 271 14.32 4.25 -3.30
C LEU A 271 13.73 3.07 -2.57
N VAL A 272 14.26 2.73 -1.39
N VAL A 272 14.29 2.75 -1.41
CA VAL A 272 13.75 1.62 -0.61
CA VAL A 272 13.76 1.69 -0.57
C VAL A 272 13.55 2.04 0.83
C VAL A 272 13.40 2.25 0.80
N CYS A 273 12.44 1.61 1.45
CA CYS A 273 12.05 1.98 2.81
C CYS A 273 11.97 0.74 3.70
N LYS A 274 12.59 0.83 4.88
CA LYS A 274 12.44 -0.19 5.91
C LYS A 274 10.98 -0.47 6.22
N LEU A 275 10.71 -1.71 6.65
CA LEU A 275 9.38 -2.03 7.10
C LEU A 275 9.10 -1.38 8.44
N PRO A 276 7.84 -1.03 8.71
CA PRO A 276 7.49 -0.53 10.05
C PRO A 276 7.68 -1.61 11.11
N ARG A 277 8.00 -1.19 12.32
N ARG A 277 7.98 -1.17 12.32
CA ARG A 277 8.24 -2.15 13.39
CA ARG A 277 8.20 -2.09 13.44
C ARG A 277 7.04 -3.10 13.62
C ARG A 277 7.05 -3.09 13.62
N PHE A 278 5.81 -2.63 13.48
CA PHE A 278 4.64 -3.52 13.66
C PHE A 278 4.61 -4.66 12.63
N PHE A 279 5.03 -4.33 11.42
CA PHE A 279 5.05 -5.28 10.32
C PHE A 279 6.17 -6.28 10.56
N VAL A 280 7.34 -5.80 10.95
CA VAL A 280 8.46 -6.67 11.33
C VAL A 280 8.03 -7.65 12.43
N HIS A 281 7.29 -7.15 13.42
N HIS A 281 7.29 -7.16 13.42
CA HIS A 281 6.81 -7.98 14.53
CA HIS A 281 6.83 -8.02 14.53
C HIS A 281 5.88 -9.07 14.03
C HIS A 281 5.85 -9.09 14.05
N SER A 282 4.89 -8.71 13.22
CA SER A 282 3.95 -9.68 12.64
C SER A 282 4.70 -10.75 11.81
N LEU A 283 5.68 -10.34 11.02
CA LEU A 283 6.48 -11.29 10.22
C LEU A 283 7.12 -12.35 11.12
N HIS A 284 7.75 -11.87 12.20
CA HIS A 284 8.43 -12.76 13.13
C HIS A 284 7.42 -13.69 13.79
N ARG A 285 6.30 -13.15 14.24
CA ARG A 285 5.29 -13.96 14.94
C ARG A 285 4.70 -15.02 14.04
N LEU A 286 4.52 -14.69 12.77
CA LEU A 286 3.92 -15.60 11.81
C LEU A 286 4.93 -16.57 11.20
N ARG A 287 6.20 -16.48 11.59
CA ARG A 287 7.29 -17.36 11.15
C ARG A 287 7.64 -17.21 9.69
N LEU A 288 7.46 -15.99 9.21
CA LEU A 288 7.87 -15.59 7.87
C LEU A 288 9.26 -15.01 7.92
N GLU A 289 9.99 -15.14 6.84
CA GLU A 289 11.35 -14.69 6.74
C GLU A 289 11.46 -13.53 5.77
N MET A 290 12.44 -12.67 6.01
CA MET A 290 12.84 -11.67 5.00
C MET A 290 13.48 -12.37 3.82
N PRO A 291 13.25 -11.87 2.59
CA PRO A 291 13.94 -12.46 1.43
C PRO A 291 15.47 -12.31 1.52
N ASN A 292 16.19 -13.25 0.91
CA ASN A 292 17.65 -13.35 1.06
C ASN A 292 18.41 -12.26 0.31
#